data_1WZG
#
_entry.id   1WZG
#
_cell.length_a   41.471
_cell.length_b   62.884
_cell.length_c   77.991
_cell.angle_alpha   90.00
_cell.angle_beta   98.89
_cell.angle_gamma   90.00
#
_symmetry.space_group_name_H-M   'P 1 21 1'
#
loop_
_entity.id
_entity.type
_entity.pdbx_description
1 polymer 'Heme oxygenase'
2 non-polymer 'SULFATE ION'
3 non-polymer "2,2'-[1,2-PHENYLENEBIS(NITRILOMETHYLIDYNE)]BIS[PHENOLATO]](2-)-N,N',O,O']-IRON"
4 non-polymer GLYCEROL
5 water water
#
_entity_poly.entity_id   1
_entity_poly.type   'polypeptide(L)'
_entity_poly.pdbx_seq_one_letter_code
;MTTATAGLAVELKQSTAQAHEKAEHSTFMSDLLKGRLGVAEFTRLQEQAWLFYTALEQAVDAVRASGFAESLLDPALNRA
EVLARDLDKLNGSSEWRSRITASPAVIDYVNRLEEIRDNVDGPALVAHHYVRYLGDLSGGQVIARMMQRHYGVDPEALGF
YHFEGIAKLKVYKDEYREKLNNLELSDEQREHLLKEATDAFVFNHQVFADLGKGL
;
_entity_poly.pdbx_strand_id   A,B
#
loop_
_chem_comp.id
_chem_comp.type
_chem_comp.name
_chem_comp.formula
GOL non-polymer GLYCEROL 'C3 H8 O3'
SO4 non-polymer 'SULFATE ION' 'O4 S -2'
YOM non-polymer 2,2'-[1,2-PHENYLENEBIS(NITRILOMETHYLIDYNE)]BIS[PHENOLATO]](2-)-N,N',O,O']-IRON 'C20 H14 Fe N2 O2 2'
#
# COMPACT_ATOMS: atom_id res chain seq x y z
N GLY A 7 -4.69 -1.94 40.61
CA GLY A 7 -4.36 -2.77 39.40
C GLY A 7 -3.39 -2.16 38.41
N LEU A 8 -2.25 -2.83 38.20
CA LEU A 8 -1.19 -2.29 37.32
C LEU A 8 -1.63 -2.08 35.86
N ALA A 9 -2.39 -3.02 35.32
CA ALA A 9 -2.89 -2.89 33.96
C ALA A 9 -3.66 -1.59 33.75
N VAL A 10 -4.57 -1.26 34.66
CA VAL A 10 -5.34 -0.02 34.56
C VAL A 10 -4.44 1.21 34.70
N GLU A 11 -3.48 1.15 35.62
CA GLU A 11 -2.61 2.29 35.88
C GLU A 11 -1.69 2.54 34.70
N LEU A 12 -1.19 1.46 34.11
CA LEU A 12 -0.39 1.54 32.90
C LEU A 12 -1.15 2.24 31.78
N LYS A 13 -2.39 1.82 31.56
CA LYS A 13 -3.25 2.47 30.55
C LYS A 13 -3.39 3.98 30.77
N GLN A 14 -3.70 4.35 32.00
CA GLN A 14 -3.91 5.75 32.33
C GLN A 14 -2.61 6.56 32.31
N SER A 15 -1.54 5.99 32.88
CA SER A 15 -0.24 6.67 32.99
C SER A 15 0.36 6.99 31.62
N THR A 16 0.11 6.11 30.66
CA THR A 16 0.73 6.22 29.34
C THR A 16 -0.19 6.83 28.28
N ALA A 17 -1.38 7.27 28.67
CA ALA A 17 -2.41 7.69 27.70
C ALA A 17 -1.95 8.79 26.74
N GLN A 18 -1.26 9.79 27.25
CA GLN A 18 -0.83 10.91 26.37
C GLN A 18 0.21 10.46 25.36
N ALA A 19 1.25 9.76 25.83
CA ALA A 19 2.30 9.28 24.92
C ALA A 19 1.75 8.27 23.91
N HIS A 20 0.81 7.43 24.36
CA HIS A 20 0.22 6.42 23.52
C HIS A 20 -0.56 7.06 22.37
N GLU A 21 -1.41 8.04 22.70
CA GLU A 21 -2.27 8.68 21.70
C GLU A 21 -1.39 9.35 20.63
N LYS A 22 -0.33 9.96 21.10
CA LYS A 22 0.56 10.70 20.20
C LYS A 22 1.34 9.77 19.25
N ALA A 23 1.73 8.60 19.74
CA ALA A 23 2.45 7.64 18.93
C ALA A 23 1.55 7.09 17.83
N GLU A 24 0.31 6.77 18.22
CA GLU A 24 -0.65 6.07 17.38
C GLU A 24 -1.13 7.00 16.28
N HIS A 25 -1.20 8.29 16.60
CA HIS A 25 -1.61 9.32 15.65
C HIS A 25 -0.46 10.05 14.95
N SER A 26 0.74 9.45 14.95
CA SER A 26 1.82 9.99 14.12
C SER A 26 1.35 10.13 12.66
N THR A 27 1.89 11.11 11.95
CA THR A 27 1.56 11.26 10.53
C THR A 27 1.86 9.99 9.73
N PHE A 28 3.00 9.35 10.00
CA PHE A 28 3.37 8.17 9.23
C PHE A 28 2.33 7.04 9.37
N MET A 29 1.99 6.70 10.61
CA MET A 29 1.02 5.62 10.85
C MET A 29 -0.36 6.04 10.31
N SER A 30 -0.69 7.31 10.50
CA SER A 30 -1.97 7.82 10.03
C SER A 30 -2.07 7.72 8.50
N ASP A 31 -1.02 8.15 7.79
CA ASP A 31 -1.01 8.02 6.32
C ASP A 31 -0.97 6.56 5.86
N LEU A 32 -0.21 5.74 6.58
CA LEU A 32 -0.10 4.33 6.25
C LEU A 32 -1.47 3.66 6.32
N LEU A 33 -2.18 3.90 7.43
CA LEU A 33 -3.45 3.20 7.67
C LEU A 33 -4.59 3.70 6.79
N LYS A 34 -4.44 4.92 6.26
CA LYS A 34 -5.46 5.50 5.35
C LYS A 34 -5.21 5.11 3.89
N GLY A 35 -4.07 4.47 3.62
CA GLY A 35 -3.72 3.99 2.30
C GLY A 35 -3.00 5.01 1.45
N ARG A 36 -2.42 6.03 2.09
CA ARG A 36 -1.72 7.08 1.36
C ARG A 36 -0.26 6.77 1.05
N LEU A 37 0.30 5.70 1.61
CA LEU A 37 1.70 5.39 1.36
C LEU A 37 1.76 4.21 0.39
N GLY A 38 2.50 3.16 0.73
CA GLY A 38 2.64 2.01 -0.16
C GLY A 38 3.30 0.84 0.54
N VAL A 39 3.38 -0.32 -0.13
CA VAL A 39 4.06 -1.47 0.49
C VAL A 39 5.54 -1.17 0.84
N ALA A 40 6.20 -0.26 0.12
CA ALA A 40 7.57 0.10 0.42
C ALA A 40 7.64 0.62 1.87
N GLU A 41 6.73 1.53 2.22
CA GLU A 41 6.75 2.16 3.56
C GLU A 41 6.45 1.15 4.63
N PHE A 42 5.54 0.24 4.31
CA PHE A 42 5.25 -0.85 5.24
C PHE A 42 6.47 -1.76 5.46
N THR A 43 7.17 -2.07 4.39
CA THR A 43 8.40 -2.83 4.47
C THR A 43 9.48 -2.10 5.28
N ARG A 44 9.65 -0.79 5.08
CA ARG A 44 10.61 0.00 5.89
C ARG A 44 10.25 -0.07 7.38
N LEU A 45 8.97 0.08 7.68
CA LEU A 45 8.49 -0.08 9.07
C LEU A 45 8.93 -1.42 9.63
N GLN A 46 8.75 -2.49 8.85
CA GLN A 46 8.99 -3.84 9.38
C GLN A 46 10.48 -4.14 9.53
N GLU A 47 11.30 -3.46 8.72
CA GLU A 47 12.76 -3.61 8.80
C GLU A 47 13.23 -2.94 10.09
N GLN A 48 12.72 -1.74 10.35
CA GLN A 48 13.03 -1.08 11.63
C GLN A 48 12.53 -1.86 12.83
N ALA A 49 11.30 -2.38 12.72
CA ALA A 49 10.75 -3.26 13.77
C ALA A 49 11.65 -4.47 13.99
N TRP A 50 12.16 -5.09 12.91
CA TRP A 50 13.04 -6.26 13.07
C TRP A 50 14.25 -5.88 13.96
N LEU A 51 14.82 -4.70 13.74
CA LEU A 51 15.93 -4.25 14.60
C LEU A 51 15.59 -4.08 16.08
N PHE A 52 14.47 -3.43 16.37
CA PHE A 52 14.11 -3.25 17.79
C PHE A 52 13.49 -4.48 18.43
N TYR A 53 12.79 -5.32 17.66
CA TYR A 53 12.32 -6.62 18.21
C TYR A 53 13.49 -7.52 18.54
N THR A 54 14.55 -7.43 17.74
CA THR A 54 15.74 -8.21 18.02
C THR A 54 16.30 -7.82 19.38
N ALA A 55 16.45 -6.51 19.60
CA ALA A 55 16.92 -6.00 20.89
C ALA A 55 15.96 -6.30 22.00
N LEU A 56 14.67 -6.05 21.76
CA LEU A 56 13.67 -6.30 22.80
C LEU A 56 13.79 -7.75 23.33
N GLU A 57 13.90 -8.70 22.39
CA GLU A 57 13.82 -10.12 22.72
C GLU A 57 15.08 -10.64 23.40
N GLN A 58 16.21 -9.98 23.14
CA GLN A 58 17.45 -10.24 23.92
C GLN A 58 17.22 -9.80 25.37
N ALA A 59 16.59 -8.64 25.54
CA ALA A 59 16.25 -8.14 26.89
C ALA A 59 15.24 -9.07 27.58
N VAL A 60 14.20 -9.48 26.85
CA VAL A 60 13.20 -10.42 27.37
C VAL A 60 13.88 -11.73 27.83
N ASP A 61 14.72 -12.29 26.95
CA ASP A 61 15.48 -13.50 27.25
C ASP A 61 16.27 -13.40 28.56
N ALA A 62 16.95 -12.27 28.74
CA ALA A 62 17.76 -12.07 29.94
C ALA A 62 16.90 -12.02 31.21
N VAL A 63 15.82 -11.27 31.15
CA VAL A 63 14.96 -11.04 32.31
C VAL A 63 14.23 -12.35 32.64
N ARG A 64 13.72 -13.04 31.61
CA ARG A 64 13.11 -14.35 31.86
C ARG A 64 14.10 -15.32 32.52
N ALA A 65 15.32 -15.40 31.97
CA ALA A 65 16.35 -16.30 32.54
C ALA A 65 16.70 -15.96 33.97
N SER A 66 16.56 -14.68 34.33
CA SER A 66 16.82 -14.22 35.71
C SER A 66 15.75 -14.72 36.70
N GLY A 67 14.63 -15.20 36.16
CA GLY A 67 13.52 -15.67 36.99
C GLY A 67 12.48 -14.60 37.32
N PHE A 68 12.45 -13.52 36.54
CA PHE A 68 11.53 -12.40 36.77
C PHE A 68 10.36 -12.41 35.75
N ALA A 69 9.11 -12.28 36.24
CA ALA A 69 7.89 -12.21 35.40
C ALA A 69 7.82 -13.36 34.36
N GLU A 70 8.16 -14.58 34.78
CA GLU A 70 8.28 -15.67 33.82
C GLU A 70 7.00 -15.95 33.02
N SER A 71 5.87 -16.00 33.71
CA SER A 71 4.61 -16.31 33.03
C SER A 71 4.20 -15.20 32.04
N LEU A 72 4.55 -13.96 32.33
CA LEU A 72 4.20 -12.85 31.44
C LEU A 72 5.04 -12.93 30.15
N LEU A 73 6.31 -13.28 30.32
CA LEU A 73 7.29 -13.28 29.23
C LEU A 73 7.19 -14.59 28.42
N ASP A 74 6.01 -14.81 27.83
CA ASP A 74 5.70 -16.03 27.06
C ASP A 74 6.53 -16.04 25.75
N PRO A 75 7.43 -17.03 25.59
CA PRO A 75 8.24 -17.08 24.36
C PRO A 75 7.43 -17.22 23.06
N ALA A 76 6.19 -17.74 23.16
CA ALA A 76 5.25 -17.75 22.01
C ALA A 76 5.04 -16.35 21.39
N LEU A 77 5.31 -15.30 22.14
CA LEU A 77 5.16 -13.92 21.69
C LEU A 77 6.30 -13.46 20.77
N ASN A 78 7.45 -14.17 20.83
CA ASN A 78 8.65 -13.77 20.03
C ASN A 78 8.26 -13.46 18.58
N ARG A 79 8.66 -12.28 18.11
CA ARG A 79 8.34 -11.80 16.75
C ARG A 79 9.52 -11.75 15.80
N ALA A 80 10.76 -11.75 16.31
CA ALA A 80 11.92 -11.41 15.47
C ALA A 80 12.09 -12.37 14.30
N GLU A 81 11.99 -13.68 14.55
CA GLU A 81 12.20 -14.66 13.46
C GLU A 81 11.03 -14.67 12.48
N VAL A 82 9.82 -14.54 13.00
CA VAL A 82 8.62 -14.42 12.16
C VAL A 82 8.71 -13.20 11.21
N LEU A 83 9.21 -12.12 11.78
CA LEU A 83 9.40 -10.86 11.07
C LEU A 83 10.46 -10.98 9.97
N ALA A 84 11.56 -11.67 10.27
CA ALA A 84 12.58 -11.94 9.25
C ALA A 84 12.00 -12.72 8.04
N ARG A 85 11.11 -13.68 8.31
CA ARG A 85 10.46 -14.43 7.24
C ARG A 85 9.52 -13.51 6.43
N ASP A 86 8.79 -12.64 7.12
CA ASP A 86 7.97 -11.63 6.43
C ASP A 86 8.84 -10.79 5.50
N LEU A 87 9.97 -10.35 6.03
CA LEU A 87 10.86 -9.45 5.25
C LEU A 87 11.50 -10.13 4.05
N ASP A 88 11.82 -11.42 4.20
CA ASP A 88 12.29 -12.22 3.07
C ASP A 88 11.25 -12.22 1.90
N LYS A 89 9.98 -12.37 2.25
CA LYS A 89 8.88 -12.34 1.29
C LYS A 89 8.67 -10.93 0.71
N LEU A 90 8.60 -9.93 1.58
CA LEU A 90 8.36 -8.53 1.14
C LEU A 90 9.47 -8.06 0.24
N ASN A 91 10.69 -8.31 0.66
CA ASN A 91 11.87 -7.91 -0.11
C ASN A 91 12.21 -8.83 -1.29
N GLY A 92 11.78 -10.09 -1.23
CA GLY A 92 12.00 -11.06 -2.33
C GLY A 92 13.34 -11.78 -2.29
N SER A 93 14.14 -11.45 -1.29
CA SER A 93 15.45 -12.05 -1.12
C SER A 93 15.86 -11.93 0.33
N SER A 94 16.95 -12.58 0.69
CA SER A 94 17.28 -12.68 2.11
C SER A 94 18.28 -11.62 2.50
N GLU A 95 18.59 -10.75 1.53
CA GLU A 95 19.72 -9.83 1.61
C GLU A 95 19.35 -8.40 2.03
N TRP A 96 18.10 -8.18 2.45
CA TRP A 96 17.70 -6.93 3.11
C TRP A 96 18.55 -6.74 4.34
N ARG A 97 19.02 -7.86 4.90
CA ARG A 97 19.75 -7.89 6.15
C ARG A 97 21.02 -7.08 6.12
N SER A 98 21.66 -7.02 4.95
CA SER A 98 22.89 -6.26 4.79
C SER A 98 22.63 -4.79 4.51
N ARG A 99 21.47 -4.48 3.94
CA ARG A 99 21.16 -3.11 3.56
C ARG A 99 20.66 -2.28 4.76
N ILE A 100 19.81 -2.89 5.59
CA ILE A 100 19.07 -2.10 6.57
C ILE A 100 19.98 -1.58 7.65
N THR A 101 19.70 -0.37 8.12
CA THR A 101 20.36 0.14 9.30
C THR A 101 19.36 0.94 10.14
N ALA A 102 19.62 1.02 11.45
CA ALA A 102 18.72 1.72 12.38
C ALA A 102 18.69 3.21 12.10
N SER A 103 17.47 3.74 12.05
CA SER A 103 17.24 5.20 12.02
C SER A 103 17.67 5.77 13.36
N PRO A 104 17.82 7.11 13.45
CA PRO A 104 18.28 7.66 14.73
C PRO A 104 17.40 7.29 15.94
N ALA A 105 16.07 7.31 15.80
CA ALA A 105 15.17 6.89 16.89
C ALA A 105 15.36 5.43 17.23
N VAL A 106 15.50 4.59 16.21
CA VAL A 106 15.68 3.15 16.46
C VAL A 106 17.03 2.91 17.17
N ILE A 107 18.08 3.64 16.80
CA ILE A 107 19.35 3.54 17.56
C ILE A 107 19.14 3.85 19.05
N ASP A 108 18.42 4.93 19.33
CA ASP A 108 18.10 5.28 20.72
C ASP A 108 17.29 4.23 21.47
N TYR A 109 16.27 3.70 20.78
CA TYR A 109 15.37 2.67 21.31
C TYR A 109 16.16 1.40 21.57
N VAL A 110 16.97 0.99 20.60
CA VAL A 110 17.78 -0.23 20.78
C VAL A 110 18.80 -0.06 21.92
N ASN A 111 19.42 1.11 21.98
CA ASN A 111 20.36 1.39 23.07
C ASN A 111 19.72 1.24 24.43
N ARG A 112 18.49 1.74 24.59
CA ARG A 112 17.78 1.57 25.86
C ARG A 112 17.47 0.10 26.13
N LEU A 113 17.01 -0.61 25.11
CA LEU A 113 16.70 -2.05 25.26
C LEU A 113 17.94 -2.85 25.63
N GLU A 114 19.09 -2.50 25.05
CA GLU A 114 20.35 -3.17 25.42
C GLU A 114 20.80 -2.85 26.85
N GLU A 115 20.58 -1.61 27.29
CA GLU A 115 20.81 -1.22 28.68
C GLU A 115 19.97 -2.05 29.64
N ILE A 116 18.72 -2.25 29.25
CA ILE A 116 17.77 -3.02 30.04
C ILE A 116 18.22 -4.48 30.08
N ARG A 117 18.65 -5.01 28.94
CA ARG A 117 19.20 -6.37 28.89
C ARG A 117 20.41 -6.51 29.84
N ASP A 118 21.37 -5.61 29.75
CA ASP A 118 22.64 -5.74 30.48
C ASP A 118 22.49 -5.50 32.00
N ASN A 119 21.52 -4.65 32.35
CA ASN A 119 21.17 -4.38 33.75
C ASN A 119 20.18 -5.42 34.28
N VAL A 120 19.73 -6.31 33.38
CA VAL A 120 18.65 -7.28 33.62
C VAL A 120 17.54 -6.58 34.43
N ASP A 121 17.08 -5.46 33.88
CA ASP A 121 16.11 -4.59 34.55
C ASP A 121 14.70 -5.09 34.30
N GLY A 122 14.21 -5.94 35.21
CA GLY A 122 12.91 -6.59 35.01
C GLY A 122 11.74 -5.61 34.84
N PRO A 123 11.52 -4.70 35.81
CA PRO A 123 10.43 -3.72 35.68
C PRO A 123 10.50 -2.90 34.37
N ALA A 124 11.68 -2.43 33.96
CA ALA A 124 11.76 -1.66 32.71
C ALA A 124 11.43 -2.58 31.51
N LEU A 125 11.90 -3.83 31.58
CA LEU A 125 11.58 -4.81 30.50
C LEU A 125 10.07 -5.04 30.37
N VAL A 126 9.40 -5.23 31.50
CA VAL A 126 7.96 -5.39 31.50
C VAL A 126 7.24 -4.23 30.82
N ALA A 127 7.66 -3.01 31.12
CA ALA A 127 7.13 -1.80 30.44
C ALA A 127 7.21 -1.92 28.90
N HIS A 128 8.37 -2.33 28.40
CA HIS A 128 8.61 -2.43 26.97
C HIS A 128 7.82 -3.55 26.34
N HIS A 129 7.66 -4.62 27.11
CA HIS A 129 6.94 -5.82 26.69
C HIS A 129 5.44 -5.49 26.50
N TYR A 130 4.88 -4.76 27.46
CA TYR A 130 3.52 -4.28 27.42
C TYR A 130 3.31 -3.41 26.16
N VAL A 131 4.17 -2.42 25.97
CA VAL A 131 3.99 -1.49 24.87
C VAL A 131 4.00 -2.19 23.51
N ARG A 132 5.02 -3.02 23.26
CA ARG A 132 5.09 -3.73 21.98
C ARG A 132 4.05 -4.88 21.88
N TYR A 133 4.11 -5.87 22.77
CA TYR A 133 3.32 -7.08 22.53
C TYR A 133 1.82 -6.92 22.77
N LEU A 134 1.43 -6.18 23.81
CA LEU A 134 0.00 -5.91 23.99
C LEU A 134 -0.55 -5.07 22.84
N GLY A 135 0.26 -4.15 22.32
CA GLY A 135 -0.09 -3.40 21.11
C GLY A 135 -0.28 -4.34 19.92
N ASP A 136 0.67 -5.26 19.72
CA ASP A 136 0.57 -6.23 18.63
C ASP A 136 -0.69 -7.08 18.78
N LEU A 137 -0.95 -7.56 19.99
CA LEU A 137 -2.10 -8.46 20.23
C LEU A 137 -3.43 -7.71 20.02
N SER A 138 -3.43 -6.44 20.40
CA SER A 138 -4.62 -5.58 20.43
C SER A 138 -5.00 -5.03 19.06
N GLY A 139 -4.01 -4.43 18.40
CA GLY A 139 -4.25 -3.68 17.17
C GLY A 139 -3.69 -4.34 15.91
N GLY A 140 -3.08 -5.51 16.09
CA GLY A 140 -2.40 -6.22 15.02
C GLY A 140 -3.26 -6.63 13.85
N GLN A 141 -4.41 -7.23 14.13
CA GLN A 141 -5.38 -7.63 13.09
C GLN A 141 -5.86 -6.43 12.28
N VAL A 142 -5.98 -5.28 12.95
CA VAL A 142 -6.40 -4.05 12.28
C VAL A 142 -5.33 -3.64 11.26
N ILE A 143 -4.08 -3.54 11.72
CA ILE A 143 -2.99 -3.15 10.84
C ILE A 143 -2.82 -4.16 9.73
N ALA A 144 -2.85 -5.46 10.06
CA ALA A 144 -2.78 -6.50 9.01
C ALA A 144 -3.88 -6.36 7.94
N ARG A 145 -5.11 -6.15 8.39
CA ARG A 145 -6.24 -6.00 7.47
C ARG A 145 -6.00 -4.79 6.59
N MET A 146 -5.47 -3.72 7.19
CA MET A 146 -5.18 -2.50 6.42
C MET A 146 -4.10 -2.70 5.36
N MET A 147 -3.08 -3.50 5.68
CA MET A 147 -2.00 -3.72 4.74
C MET A 147 -2.49 -4.55 3.54
N GLN A 148 -3.42 -5.45 3.78
CA GLN A 148 -4.03 -6.19 2.67
C GLN A 148 -4.94 -5.26 1.85
N ARG A 149 -5.75 -4.47 2.55
CA ARG A 149 -6.78 -3.65 1.89
C ARG A 149 -6.15 -2.55 1.05
N HIS A 150 -5.12 -1.90 1.60
CA HIS A 150 -4.55 -0.73 0.95
C HIS A 150 -3.40 -1.08 0.04
N TYR A 151 -2.61 -2.10 0.40
CA TYR A 151 -1.33 -2.32 -0.30
C TYR A 151 -1.19 -3.71 -0.89
N GLY A 152 -2.25 -4.51 -0.79
CA GLY A 152 -2.28 -5.85 -1.38
C GLY A 152 -1.23 -6.78 -0.83
N VAL A 153 -0.82 -6.56 0.43
CA VAL A 153 0.23 -7.42 1.02
C VAL A 153 -0.25 -8.86 1.15
N ASP A 154 0.59 -9.79 0.69
CA ASP A 154 0.29 -11.23 0.83
C ASP A 154 0.10 -11.58 2.32
N PRO A 155 -1.04 -12.21 2.69
CA PRO A 155 -1.23 -12.55 4.10
C PRO A 155 -0.10 -13.41 4.62
N GLU A 156 0.59 -14.14 3.74
CA GLU A 156 1.75 -14.93 4.18
C GLU A 156 2.95 -14.09 4.59
N ALA A 157 2.95 -12.82 4.19
CA ALA A 157 3.99 -11.86 4.57
C ALA A 157 3.53 -10.98 5.73
N LEU A 158 2.47 -11.43 6.41
CA LEU A 158 1.99 -10.72 7.59
C LEU A 158 2.04 -11.64 8.80
N GLY A 159 2.98 -12.59 8.76
CA GLY A 159 3.20 -13.51 9.88
C GLY A 159 3.40 -12.76 11.20
N PHE A 160 4.00 -11.56 11.13
CA PHE A 160 4.21 -10.76 12.35
C PHE A 160 2.91 -10.55 13.18
N TYR A 161 1.77 -10.46 12.49
CA TYR A 161 0.50 -10.08 13.08
C TYR A 161 -0.28 -11.30 13.53
N HIS A 162 0.31 -12.46 13.31
CA HIS A 162 -0.32 -13.75 13.64
C HIS A 162 0.48 -14.44 14.76
N PHE A 163 -0.20 -14.85 15.84
CA PHE A 163 0.47 -15.55 16.94
C PHE A 163 0.09 -17.00 16.95
N GLU A 164 0.98 -17.82 16.38
CA GLU A 164 0.73 -19.24 16.27
C GLU A 164 0.64 -19.82 17.67
N GLY A 165 -0.34 -20.68 17.89
CA GLY A 165 -0.47 -21.29 19.21
C GLY A 165 -1.19 -20.45 20.27
N ILE A 166 -1.40 -19.17 20.02
CA ILE A 166 -2.41 -18.45 20.80
C ILE A 166 -3.75 -18.70 20.13
N ALA A 167 -4.55 -19.59 20.73
CA ALA A 167 -5.81 -20.03 20.13
C ALA A 167 -6.83 -18.88 20.03
N LYS A 168 -6.89 -18.07 21.08
CA LYS A 168 -7.92 -17.02 21.23
C LYS A 168 -7.31 -15.75 21.81
N LEU A 169 -7.19 -14.72 20.98
CA LEU A 169 -6.55 -13.46 21.39
C LEU A 169 -7.26 -12.75 22.54
N LYS A 170 -8.58 -12.79 22.53
CA LYS A 170 -9.37 -12.12 23.58
C LYS A 170 -8.97 -12.63 24.96
N VAL A 171 -9.07 -13.94 25.12
CA VAL A 171 -8.69 -14.62 26.34
C VAL A 171 -7.24 -14.30 26.71
N TYR A 172 -6.33 -14.35 25.73
CA TYR A 172 -4.90 -14.14 25.99
C TYR A 172 -4.63 -12.76 26.57
N LYS A 173 -5.27 -11.76 25.95
CA LYS A 173 -5.10 -10.36 26.36
C LYS A 173 -5.63 -10.14 27.76
N ASP A 174 -6.76 -10.75 28.08
CA ASP A 174 -7.33 -10.68 29.41
C ASP A 174 -6.37 -11.32 30.43
N GLU A 175 -5.82 -12.47 30.09
CA GLU A 175 -4.87 -13.16 30.97
C GLU A 175 -3.55 -12.43 31.14
N TYR A 176 -3.12 -11.75 30.08
CA TYR A 176 -1.93 -10.89 30.09
C TYR A 176 -2.10 -9.73 31.08
N ARG A 177 -3.27 -9.08 31.05
CA ARG A 177 -3.55 -8.02 32.03
C ARG A 177 -3.57 -8.51 33.50
N GLU A 178 -4.11 -9.71 33.69
CA GLU A 178 -4.14 -10.32 35.02
C GLU A 178 -2.74 -10.65 35.52
N LYS A 179 -1.88 -11.11 34.62
CA LYS A 179 -0.48 -11.38 34.96
C LYS A 179 0.20 -10.06 35.36
N LEU A 180 -0.08 -8.99 34.63
CA LEU A 180 0.41 -7.66 35.02
C LEU A 180 -0.04 -7.30 36.44
N ASN A 181 -1.32 -7.48 36.71
CA ASN A 181 -1.93 -7.20 38.01
C ASN A 181 -1.32 -8.01 39.14
N ASN A 182 -0.85 -9.20 38.79
CA ASN A 182 -0.35 -10.18 39.77
C ASN A 182 1.17 -10.13 39.99
N LEU A 183 1.85 -9.26 39.25
CA LEU A 183 3.30 -9.11 39.44
C LEU A 183 3.55 -8.47 40.77
N GLU A 184 4.41 -9.08 41.58
CA GLU A 184 4.82 -8.47 42.84
C GLU A 184 5.88 -7.38 42.56
N LEU A 185 5.51 -6.14 42.80
CA LEU A 185 6.40 -5.01 42.59
C LEU A 185 6.42 -4.09 43.80
N SER A 186 7.61 -3.64 44.19
CA SER A 186 7.71 -2.59 45.20
C SER A 186 7.20 -1.32 44.55
N ASP A 187 6.94 -0.29 45.35
CA ASP A 187 6.59 1.02 44.81
C ASP A 187 7.69 1.54 43.89
N GLU A 188 8.95 1.31 44.27
CA GLU A 188 10.07 1.79 43.46
C GLU A 188 10.07 1.14 42.08
N GLN A 189 9.88 -0.18 42.05
CA GLN A 189 9.82 -0.93 40.78
C GLN A 189 8.63 -0.52 39.94
N ARG A 190 7.46 -0.37 40.57
CA ARG A 190 6.25 0.01 39.87
C ARG A 190 6.40 1.39 39.23
N GLU A 191 6.93 2.34 39.98
CA GLU A 191 7.17 3.68 39.42
C GLU A 191 8.19 3.68 38.27
N HIS A 192 9.17 2.79 38.38
CA HIS A 192 10.21 2.65 37.36
C HIS A 192 9.59 2.10 36.08
N LEU A 193 8.75 1.08 36.23
CA LEU A 193 8.01 0.47 35.15
C LEU A 193 7.10 1.49 34.45
N LEU A 194 6.26 2.17 35.23
CA LEU A 194 5.36 3.17 34.67
C LEU A 194 6.05 4.27 33.86
N LYS A 195 7.13 4.82 34.40
CA LYS A 195 7.92 5.84 33.68
C LYS A 195 8.46 5.26 32.37
N GLU A 196 8.94 4.03 32.44
CA GLU A 196 9.55 3.40 31.26
C GLU A 196 8.52 3.18 30.16
N ALA A 197 7.29 2.86 30.55
CA ALA A 197 6.22 2.60 29.57
C ALA A 197 5.92 3.84 28.74
N THR A 198 5.90 5.01 29.39
CA THR A 198 5.78 6.26 28.62
C THR A 198 6.97 6.41 27.69
N ASP A 199 8.19 6.18 28.19
CA ASP A 199 9.38 6.32 27.35
C ASP A 199 9.29 5.40 26.13
N ALA A 200 8.79 4.18 26.32
CA ALA A 200 8.64 3.22 25.25
C ALA A 200 7.66 3.70 24.21
N PHE A 201 6.50 4.23 24.61
CA PHE A 201 5.59 4.90 23.64
C PHE A 201 6.29 6.06 22.87
N VAL A 202 7.04 6.90 23.59
CA VAL A 202 7.80 7.96 22.96
C VAL A 202 8.81 7.43 21.92
N PHE A 203 9.60 6.41 22.27
CA PHE A 203 10.54 5.83 21.30
C PHE A 203 9.80 5.41 20.02
N ASN A 204 8.64 4.77 20.18
CA ASN A 204 7.91 4.30 19.02
C ASN A 204 7.40 5.46 18.16
N HIS A 205 6.95 6.52 18.82
CA HIS A 205 6.51 7.72 18.14
C HIS A 205 7.68 8.22 17.29
N GLN A 206 8.86 8.27 17.86
CA GLN A 206 10.02 8.83 17.10
C GLN A 206 10.45 7.89 15.98
N VAL A 207 10.30 6.57 16.17
CA VAL A 207 10.48 5.60 15.07
C VAL A 207 9.59 5.99 13.87
N PHE A 208 8.30 6.25 14.16
CA PHE A 208 7.36 6.61 13.05
C PHE A 208 7.76 7.92 12.41
N ALA A 209 8.22 8.86 13.23
CA ALA A 209 8.61 10.18 12.73
C ALA A 209 9.78 10.07 11.77
N ASP A 210 10.72 9.20 12.10
CA ASP A 210 11.87 8.95 11.23
C ASP A 210 11.38 8.32 9.94
N LEU A 211 10.49 7.35 10.05
CA LEU A 211 9.95 6.67 8.85
C LEU A 211 9.22 7.62 7.90
N GLY A 212 8.52 8.60 8.45
CA GLY A 212 7.69 9.52 7.65
C GLY A 212 8.46 10.72 7.10
N LYS A 213 9.72 10.85 7.49
CA LYS A 213 10.53 12.01 7.11
C LYS A 213 10.78 12.09 5.60
N GLY A 214 10.42 13.21 5.00
CA GLY A 214 10.66 13.45 3.57
C GLY A 214 9.74 12.70 2.63
N LEU A 215 8.70 12.07 3.17
CA LEU A 215 7.79 11.31 2.31
C LEU A 215 6.97 12.26 1.44
N GLY B 7 -23.52 -8.10 -8.12
CA GLY B 7 -22.11 -8.63 -8.05
C GLY B 7 -21.02 -7.58 -8.13
N LEU B 8 -19.78 -8.03 -8.37
CA LEU B 8 -18.62 -7.13 -8.35
C LEU B 8 -18.68 -5.99 -9.36
N ALA B 9 -19.11 -6.29 -10.60
CA ALA B 9 -19.13 -5.25 -11.63
C ALA B 9 -20.01 -4.08 -11.16
N VAL B 10 -21.17 -4.41 -10.58
CA VAL B 10 -22.08 -3.36 -10.08
C VAL B 10 -21.47 -2.63 -8.88
N GLU B 11 -20.96 -3.38 -7.91
CA GLU B 11 -20.32 -2.76 -6.73
C GLU B 11 -19.15 -1.88 -7.13
N LEU B 12 -18.37 -2.35 -8.09
CA LEU B 12 -17.26 -1.59 -8.66
C LEU B 12 -17.70 -0.26 -9.25
N LYS B 13 -18.76 -0.29 -10.07
CA LYS B 13 -19.30 0.93 -10.64
C LYS B 13 -19.75 1.88 -9.51
N GLN B 14 -20.48 1.32 -8.54
CA GLN B 14 -21.04 2.12 -7.44
C GLN B 14 -19.99 2.70 -6.50
N SER B 15 -18.99 1.88 -6.17
CA SER B 15 -17.88 2.29 -5.29
C SER B 15 -17.03 3.40 -5.91
N THR B 16 -16.91 3.41 -7.24
CA THR B 16 -16.03 4.35 -7.94
C THR B 16 -16.75 5.57 -8.49
N ALA B 17 -18.06 5.66 -8.24
CA ALA B 17 -18.91 6.65 -8.91
C ALA B 17 -18.44 8.08 -8.69
N GLN B 18 -18.15 8.46 -7.44
CA GLN B 18 -17.71 9.84 -7.18
C GLN B 18 -16.40 10.18 -7.87
N ALA B 19 -15.37 9.37 -7.64
CA ALA B 19 -14.07 9.56 -8.30
C ALA B 19 -14.20 9.58 -9.84
N HIS B 20 -15.01 8.66 -10.37
CA HIS B 20 -15.20 8.52 -11.83
C HIS B 20 -15.82 9.82 -12.38
N GLU B 21 -16.89 10.29 -11.74
CA GLU B 21 -17.57 11.53 -12.16
C GLU B 21 -16.59 12.70 -12.19
N LYS B 22 -15.78 12.86 -11.14
CA LYS B 22 -14.78 13.92 -11.06
C LYS B 22 -13.76 13.84 -12.21
N ALA B 23 -13.30 12.61 -12.47
CA ALA B 23 -12.33 12.31 -13.52
C ALA B 23 -12.92 12.63 -14.89
N GLU B 24 -14.19 12.34 -15.08
CA GLU B 24 -14.87 12.56 -16.37
C GLU B 24 -15.16 14.03 -16.62
N HIS B 25 -15.24 14.83 -15.55
CA HIS B 25 -15.61 16.23 -15.68
C HIS B 25 -14.43 17.21 -15.60
N SER B 26 -13.22 16.72 -15.82
CA SER B 26 -12.05 17.61 -15.84
C SER B 26 -12.23 18.70 -16.88
N THR B 27 -11.71 19.88 -16.61
CA THR B 27 -11.83 20.98 -17.56
C THR B 27 -11.10 20.65 -18.85
N PHE B 28 -9.93 20.04 -18.71
CA PHE B 28 -9.12 19.72 -19.88
C PHE B 28 -9.88 18.79 -20.83
N MET B 29 -10.40 17.69 -20.30
CA MET B 29 -11.14 16.76 -21.17
C MET B 29 -12.41 17.36 -21.69
N SER B 30 -13.10 18.14 -20.86
CA SER B 30 -14.33 18.82 -21.28
C SER B 30 -14.02 19.75 -22.46
N ASP B 31 -12.98 20.58 -22.30
CA ASP B 31 -12.57 21.50 -23.35
C ASP B 31 -12.14 20.73 -24.62
N LEU B 32 -11.39 19.64 -24.45
CA LEU B 32 -10.86 18.89 -25.59
C LEU B 32 -12.03 18.29 -26.40
N LEU B 33 -12.95 17.64 -25.69
CA LEU B 33 -14.05 16.92 -26.33
C LEU B 33 -15.11 17.83 -26.95
N LYS B 34 -15.27 19.05 -26.46
CA LYS B 34 -16.25 19.92 -27.08
C LYS B 34 -15.65 20.87 -28.12
N GLY B 35 -14.36 20.68 -28.42
CA GLY B 35 -13.71 21.38 -29.52
C GLY B 35 -13.04 22.69 -29.23
N ARG B 36 -12.83 23.03 -27.94
CA ARG B 36 -12.19 24.29 -27.59
C ARG B 36 -10.67 24.25 -27.69
N LEU B 37 -10.10 23.04 -27.73
CA LEU B 37 -8.64 22.88 -27.76
C LEU B 37 -8.13 22.61 -29.17
N GLY B 38 -7.39 21.54 -29.35
CA GLY B 38 -6.84 21.24 -30.68
C GLY B 38 -6.00 19.99 -30.73
N VAL B 39 -5.49 19.70 -31.93
CA VAL B 39 -4.63 18.53 -32.14
C VAL B 39 -3.41 18.54 -31.22
N ALA B 40 -2.83 19.72 -30.96
CA ALA B 40 -1.69 19.80 -30.05
C ALA B 40 -2.00 19.21 -28.68
N GLU B 41 -3.13 19.61 -28.10
CA GLU B 41 -3.52 19.13 -26.77
C GLU B 41 -3.84 17.65 -26.79
N PHE B 42 -4.52 17.20 -27.84
CA PHE B 42 -4.78 15.77 -27.95
C PHE B 42 -3.44 14.98 -28.01
N THR B 43 -2.48 15.52 -28.74
CA THR B 43 -1.17 14.87 -28.85
C THR B 43 -0.44 14.84 -27.50
N ARG B 44 -0.50 15.93 -26.72
CA ARG B 44 0.09 15.93 -25.37
C ARG B 44 -0.53 14.85 -24.47
N LEU B 45 -1.86 14.75 -24.52
CA LEU B 45 -2.58 13.64 -23.86
C LEU B 45 -2.04 12.26 -24.24
N GLN B 46 -1.92 12.01 -25.53
CA GLN B 46 -1.51 10.70 -26.01
C GLN B 46 -0.05 10.35 -25.68
N GLU B 47 0.81 11.37 -25.62
CA GLU B 47 2.19 11.20 -25.17
C GLU B 47 2.23 10.77 -23.69
N GLN B 48 1.47 11.46 -22.83
CA GLN B 48 1.37 11.04 -21.43
C GLN B 48 0.75 9.65 -21.32
N ALA B 49 -0.27 9.39 -22.12
CA ALA B 49 -0.88 8.06 -22.17
C ALA B 49 0.13 6.97 -22.56
N TRP B 50 1.02 7.27 -23.50
CA TRP B 50 2.00 6.26 -23.87
C TRP B 50 2.87 5.89 -22.67
N LEU B 51 3.29 6.89 -21.89
CA LEU B 51 4.03 6.63 -20.65
C LEU B 51 3.27 5.73 -19.68
N PHE B 52 2.00 6.02 -19.42
CA PHE B 52 1.32 5.17 -18.43
C PHE B 52 0.81 3.82 -18.98
N TYR B 53 0.48 3.75 -20.27
CA TYR B 53 0.14 2.43 -20.85
C TYR B 53 1.36 1.51 -20.85
N THR B 54 2.53 2.07 -21.16
CA THR B 54 3.78 1.28 -21.11
C THR B 54 3.94 0.63 -19.72
N ALA B 55 3.85 1.43 -18.65
CA ALA B 55 3.81 0.92 -17.25
C ALA B 55 2.65 -0.05 -16.97
N LEU B 56 1.45 0.34 -17.37
CA LEU B 56 0.28 -0.50 -17.14
C LEU B 56 0.49 -1.87 -17.76
N GLU B 57 0.98 -1.90 -19.01
CA GLU B 57 1.11 -3.19 -19.73
C GLU B 57 2.26 -4.08 -19.21
N GLN B 58 3.30 -3.47 -18.67
CA GLN B 58 4.30 -4.25 -17.90
C GLN B 58 3.66 -4.93 -16.67
N ALA B 59 2.80 -4.20 -15.95
CA ALA B 59 2.11 -4.76 -14.78
C ALA B 59 1.14 -5.84 -15.20
N VAL B 60 0.39 -5.58 -16.28
CA VAL B 60 -0.51 -6.61 -16.85
C VAL B 60 0.26 -7.89 -17.21
N ASP B 61 1.37 -7.77 -17.94
CA ASP B 61 2.19 -8.95 -18.32
C ASP B 61 2.65 -9.76 -17.09
N ALA B 62 3.07 -9.05 -16.04
CA ALA B 62 3.52 -9.69 -14.81
C ALA B 62 2.37 -10.46 -14.16
N VAL B 63 1.21 -9.80 -14.03
CA VAL B 63 0.08 -10.43 -13.32
C VAL B 63 -0.47 -11.59 -14.15
N ARG B 64 -0.59 -11.41 -15.47
CA ARG B 64 -1.00 -12.52 -16.36
C ARG B 64 -0.05 -13.72 -16.24
N ALA B 65 1.25 -13.49 -16.31
CA ALA B 65 2.24 -14.58 -16.14
C ALA B 65 2.03 -15.34 -14.84
N SER B 66 1.65 -14.61 -13.79
CA SER B 66 1.47 -15.20 -12.46
C SER B 66 0.26 -16.11 -12.36
N GLY B 67 -0.63 -16.02 -13.35
CA GLY B 67 -1.81 -16.88 -13.42
C GLY B 67 -3.10 -16.27 -12.89
N PHE B 68 -3.06 -15.00 -12.51
CA PHE B 68 -4.22 -14.33 -11.95
C PHE B 68 -5.04 -13.60 -13.03
N ALA B 69 -6.36 -13.77 -12.97
CA ALA B 69 -7.30 -13.10 -13.88
C ALA B 69 -6.94 -13.27 -15.36
N GLU B 70 -6.36 -14.42 -15.71
CA GLU B 70 -5.90 -14.64 -17.09
C GLU B 70 -6.91 -14.29 -18.18
N SER B 71 -8.17 -14.70 -18.01
CA SER B 71 -9.18 -14.45 -19.06
C SER B 71 -9.57 -12.99 -19.20
N LEU B 72 -9.34 -12.21 -18.15
CA LEU B 72 -9.59 -10.77 -18.23
C LEU B 72 -8.49 -10.03 -18.97
N LEU B 73 -7.26 -10.50 -18.83
CA LEU B 73 -6.06 -9.75 -19.25
C LEU B 73 -5.72 -10.11 -20.71
N ASP B 74 -6.71 -9.90 -21.58
CA ASP B 74 -6.63 -10.19 -23.00
C ASP B 74 -5.54 -9.35 -23.62
N PRO B 75 -4.52 -10.01 -24.21
CA PRO B 75 -3.40 -9.30 -24.87
C PRO B 75 -3.86 -8.42 -26.03
N ALA B 76 -5.04 -8.71 -26.56
CA ALA B 76 -5.62 -7.92 -27.65
C ALA B 76 -5.83 -6.47 -27.22
N LEU B 77 -5.92 -6.23 -25.90
CA LEU B 77 -6.16 -4.89 -25.38
C LEU B 77 -4.92 -3.99 -25.40
N ASN B 78 -3.74 -4.60 -25.55
CA ASN B 78 -2.47 -3.85 -25.48
C ASN B 78 -2.49 -2.62 -26.40
N ARG B 79 -2.13 -1.47 -25.86
CA ARG B 79 -2.24 -0.20 -26.58
C ARG B 79 -0.90 0.46 -26.88
N ALA B 80 0.13 0.10 -26.11
CA ALA B 80 1.38 0.90 -26.17
C ALA B 80 1.98 0.99 -27.59
N GLU B 81 2.08 -0.15 -28.29
CA GLU B 81 2.68 -0.17 -29.62
C GLU B 81 1.84 0.60 -30.65
N VAL B 82 0.51 0.39 -30.60
CA VAL B 82 -0.45 1.12 -31.45
C VAL B 82 -0.33 2.62 -31.20
N LEU B 83 -0.27 2.97 -29.92
CA LEU B 83 -0.14 4.36 -29.52
C LEU B 83 1.15 5.03 -30.01
N ALA B 84 2.27 4.31 -29.91
CA ALA B 84 3.53 4.82 -30.44
C ALA B 84 3.42 5.15 -31.93
N ARG B 85 2.76 4.29 -32.70
CA ARG B 85 2.55 4.59 -34.14
C ARG B 85 1.64 5.83 -34.33
N ASP B 86 0.59 5.97 -33.53
CA ASP B 86 -0.26 7.18 -33.57
C ASP B 86 0.60 8.42 -33.31
N LEU B 87 1.51 8.29 -32.35
CA LEU B 87 2.37 9.42 -31.99
C LEU B 87 3.36 9.78 -33.10
N ASP B 88 3.87 8.76 -33.77
CA ASP B 88 4.76 8.96 -34.93
C ASP B 88 3.99 9.78 -35.96
N LYS B 89 2.70 9.48 -36.13
CA LYS B 89 1.90 10.20 -37.15
C LYS B 89 1.56 11.62 -36.71
N LEU B 90 1.16 11.76 -35.45
CA LEU B 90 0.83 13.07 -34.87
C LEU B 90 2.03 14.00 -34.84
N ASN B 91 3.19 13.46 -34.48
CA ASN B 91 4.41 14.26 -34.36
C ASN B 91 5.27 14.33 -35.61
N GLY B 92 5.02 13.44 -36.55
CA GLY B 92 5.69 13.52 -37.86
C GLY B 92 7.02 12.80 -37.90
N SER B 93 7.39 12.20 -36.78
CA SER B 93 8.65 11.47 -36.62
C SER B 93 8.74 10.82 -35.25
N SER B 94 9.85 10.13 -35.01
CA SER B 94 10.10 9.46 -33.73
C SER B 94 10.67 10.40 -32.66
N GLU B 95 10.78 11.69 -32.98
CA GLU B 95 11.36 12.71 -32.08
C GLU B 95 10.78 12.67 -30.69
N TRP B 96 9.48 12.47 -30.63
CA TRP B 96 8.76 12.46 -29.35
C TRP B 96 9.36 11.55 -28.30
N ARG B 97 9.96 10.43 -28.74
CA ARG B 97 10.48 9.41 -27.82
C ARG B 97 11.53 9.96 -26.85
N SER B 98 12.45 10.74 -27.40
CA SER B 98 13.49 11.37 -26.61
C SER B 98 13.06 12.72 -26.03
N ARG B 99 11.97 13.29 -26.53
CA ARG B 99 11.46 14.57 -26.05
C ARG B 99 10.55 14.44 -24.81
N ILE B 100 9.63 13.48 -24.83
CA ILE B 100 8.56 13.50 -23.83
C ILE B 100 9.03 13.20 -22.40
N THR B 101 8.31 13.77 -21.45
CA THR B 101 8.61 13.53 -20.05
C THR B 101 7.31 13.46 -19.26
N ALA B 102 7.29 12.59 -18.24
CA ALA B 102 6.10 12.39 -17.43
C ALA B 102 5.77 13.66 -16.66
N SER B 103 4.49 14.07 -16.70
CA SER B 103 3.99 15.13 -15.83
C SER B 103 4.05 14.63 -14.37
N PRO B 104 4.04 15.57 -13.40
CA PRO B 104 4.02 15.14 -11.99
C PRO B 104 2.93 14.10 -11.71
N ALA B 105 1.74 14.32 -12.24
CA ALA B 105 0.64 13.36 -12.11
C ALA B 105 0.96 11.97 -12.69
N VAL B 106 1.60 11.97 -13.85
CA VAL B 106 1.93 10.72 -14.56
C VAL B 106 3.09 10.03 -13.81
N ILE B 107 4.00 10.81 -13.23
CA ILE B 107 5.03 10.21 -12.36
C ILE B 107 4.38 9.38 -11.26
N ASP B 108 3.39 9.95 -10.57
CA ASP B 108 2.71 9.22 -9.48
C ASP B 108 1.99 7.97 -9.97
N TYR B 109 1.36 8.11 -11.15
CA TYR B 109 0.55 7.05 -11.73
C TYR B 109 1.45 5.91 -12.15
N VAL B 110 2.53 6.23 -12.87
CA VAL B 110 3.53 5.25 -13.29
C VAL B 110 4.17 4.57 -12.05
N ASN B 111 4.48 5.35 -11.02
CA ASN B 111 5.00 4.78 -9.77
C ASN B 111 4.06 3.71 -9.22
N ARG B 112 2.76 4.01 -9.20
CA ARG B 112 1.79 3.04 -8.69
C ARG B 112 1.79 1.77 -9.54
N LEU B 113 1.77 1.95 -10.86
CA LEU B 113 1.76 0.79 -11.80
C LEU B 113 3.03 -0.07 -11.65
N GLU B 114 4.17 0.59 -11.44
CA GLU B 114 5.43 -0.13 -11.20
C GLU B 114 5.42 -0.91 -9.88
N GLU B 115 4.80 -0.34 -8.87
CA GLU B 115 4.67 -0.98 -7.56
C GLU B 115 3.73 -2.20 -7.63
N ILE B 116 2.65 -2.07 -8.39
CA ILE B 116 1.75 -3.20 -8.67
C ILE B 116 2.51 -4.31 -9.41
N ARG B 117 3.33 -3.91 -10.38
CA ARG B 117 4.15 -4.88 -11.13
C ARG B 117 5.13 -5.58 -10.19
N ASP B 118 5.88 -4.81 -9.42
CA ASP B 118 6.89 -5.40 -8.51
C ASP B 118 6.31 -6.33 -7.44
N ASN B 119 5.12 -6.01 -6.93
CA ASN B 119 4.46 -6.76 -5.83
C ASN B 119 3.56 -7.84 -6.47
N VAL B 120 3.54 -7.87 -7.82
CA VAL B 120 2.65 -8.74 -8.60
C VAL B 120 1.26 -8.74 -7.94
N ASP B 121 0.65 -7.56 -7.87
CA ASP B 121 -0.59 -7.36 -7.12
C ASP B 121 -1.78 -7.50 -8.05
N GLY B 122 -2.31 -8.72 -8.10
CA GLY B 122 -3.32 -9.04 -9.10
C GLY B 122 -4.61 -8.24 -8.96
N PRO B 123 -5.20 -8.21 -7.75
CA PRO B 123 -6.39 -7.39 -7.52
C PRO B 123 -6.18 -5.91 -7.91
N ALA B 124 -5.07 -5.33 -7.48
CA ALA B 124 -4.76 -3.96 -7.89
C ALA B 124 -4.69 -3.78 -9.41
N LEU B 125 -4.02 -4.71 -10.08
CA LEU B 125 -3.87 -4.64 -11.52
C LEU B 125 -5.24 -4.69 -12.20
N VAL B 126 -6.11 -5.61 -11.78
CA VAL B 126 -7.45 -5.67 -12.35
C VAL B 126 -8.20 -4.35 -12.21
N ALA B 127 -8.07 -3.70 -11.06
CA ALA B 127 -8.66 -2.38 -10.86
C ALA B 127 -8.20 -1.37 -11.92
N HIS B 128 -6.89 -1.27 -12.13
CA HIS B 128 -6.32 -0.33 -13.12
C HIS B 128 -6.66 -0.69 -14.56
N HIS B 129 -6.72 -1.99 -14.82
CA HIS B 129 -7.10 -2.57 -16.10
C HIS B 129 -8.55 -2.21 -16.49
N TYR B 130 -9.47 -2.39 -15.55
CA TYR B 130 -10.86 -1.95 -15.72
C TYR B 130 -10.96 -0.47 -16.06
N VAL B 131 -10.33 0.37 -15.23
CA VAL B 131 -10.48 1.80 -15.38
C VAL B 131 -9.98 2.26 -16.75
N ARG B 132 -8.81 1.77 -17.17
CA ARG B 132 -8.29 2.20 -18.50
C ARG B 132 -9.02 1.54 -19.65
N TYR B 133 -8.97 0.21 -19.73
CA TYR B 133 -9.46 -0.48 -20.93
C TYR B 133 -10.96 -0.41 -21.10
N LEU B 134 -11.73 -0.55 -20.01
CA LEU B 134 -13.18 -0.42 -20.14
C LEU B 134 -13.59 1.02 -20.49
N GLY B 135 -12.80 1.99 -20.01
CA GLY B 135 -12.93 3.40 -20.44
C GLY B 135 -12.66 3.60 -21.93
N ASP B 136 -11.58 2.98 -22.42
CA ASP B 136 -11.23 3.08 -23.84
C ASP B 136 -12.32 2.51 -24.73
N LEU B 137 -12.92 1.42 -24.27
CA LEU B 137 -13.93 0.72 -25.09
C LEU B 137 -15.27 1.46 -25.06
N SER B 138 -15.35 2.50 -24.23
CA SER B 138 -16.54 3.34 -24.12
C SER B 138 -16.27 4.83 -24.37
N GLY B 139 -15.80 5.56 -23.36
CA GLY B 139 -15.48 6.98 -23.53
C GLY B 139 -14.51 7.32 -24.65
N GLY B 140 -13.45 6.52 -24.77
CA GLY B 140 -12.47 6.71 -25.88
C GLY B 140 -13.05 6.68 -27.28
N GLN B 141 -14.10 5.89 -27.46
CA GLN B 141 -14.84 5.84 -28.74
C GLN B 141 -15.46 7.20 -29.13
N VAL B 142 -15.98 7.91 -28.14
CA VAL B 142 -16.47 9.26 -28.33
C VAL B 142 -15.29 10.17 -28.67
N ILE B 143 -14.17 9.96 -27.95
CA ILE B 143 -12.99 10.81 -28.13
C ILE B 143 -12.53 10.70 -29.58
N ALA B 144 -12.41 9.47 -30.09
CA ALA B 144 -11.88 9.31 -31.44
C ALA B 144 -12.77 10.04 -32.47
N ARG B 145 -14.09 9.92 -32.31
CA ARG B 145 -15.05 10.54 -33.22
C ARG B 145 -14.88 12.07 -33.16
N MET B 146 -14.72 12.60 -31.94
CA MET B 146 -14.61 14.05 -31.80
C MET B 146 -13.29 14.64 -32.22
N MET B 147 -12.19 13.88 -32.08
CA MET B 147 -10.90 14.37 -32.58
C MET B 147 -10.93 14.54 -34.10
N GLN B 148 -11.52 13.58 -34.79
CA GLN B 148 -11.73 13.68 -36.23
C GLN B 148 -12.68 14.84 -36.56
N ARG B 149 -13.85 14.87 -35.93
CA ARG B 149 -14.85 15.88 -36.26
C ARG B 149 -14.45 17.29 -35.90
N HIS B 150 -13.97 17.50 -34.67
CA HIS B 150 -13.65 18.87 -34.23
C HIS B 150 -12.37 19.40 -34.82
N TYR B 151 -11.34 18.55 -34.87
CA TYR B 151 -9.98 19.01 -35.17
C TYR B 151 -9.41 18.47 -36.47
N GLY B 152 -10.17 17.64 -37.17
CA GLY B 152 -9.69 17.07 -38.41
C GLY B 152 -8.53 16.08 -38.30
N VAL B 153 -8.35 15.47 -37.12
CA VAL B 153 -7.33 14.45 -36.91
C VAL B 153 -7.62 13.26 -37.83
N ASP B 154 -6.61 12.79 -38.53
CA ASP B 154 -6.85 11.69 -39.45
C ASP B 154 -7.02 10.41 -38.66
N PRO B 155 -8.05 9.60 -38.99
CA PRO B 155 -8.24 8.34 -38.25
C PRO B 155 -7.02 7.42 -38.21
N GLU B 156 -6.07 7.62 -39.13
CA GLU B 156 -4.78 6.91 -39.11
C GLU B 156 -3.98 7.18 -37.83
N ALA B 157 -4.23 8.33 -37.19
CA ALA B 157 -3.57 8.71 -35.96
C ALA B 157 -4.45 8.46 -34.72
N LEU B 158 -5.50 7.65 -34.91
CA LEU B 158 -6.43 7.31 -33.85
C LEU B 158 -6.52 5.78 -33.70
N GLY B 159 -5.46 5.07 -34.06
CA GLY B 159 -5.43 3.61 -33.92
C GLY B 159 -5.61 3.18 -32.47
N PHE B 160 -5.21 4.06 -31.55
CA PHE B 160 -5.36 3.79 -30.11
C PHE B 160 -6.80 3.38 -29.76
N TYR B 161 -7.75 4.01 -30.45
CA TYR B 161 -9.17 3.82 -30.12
C TYR B 161 -9.82 2.67 -30.86
N HIS B 162 -9.04 2.03 -31.71
CA HIS B 162 -9.53 0.91 -32.48
C HIS B 162 -8.90 -0.36 -31.92
N PHE B 163 -9.73 -1.32 -31.52
CA PHE B 163 -9.18 -2.58 -31.01
C PHE B 163 -9.30 -3.64 -32.10
N GLU B 164 -8.18 -3.88 -32.78
CA GLU B 164 -8.15 -4.74 -33.98
C GLU B 164 -8.56 -6.13 -33.64
N GLY B 165 -8.29 -6.54 -32.41
CA GLY B 165 -8.58 -7.89 -32.00
C GLY B 165 -10.02 -8.07 -31.55
N ILE B 166 -10.79 -6.99 -31.55
CA ILE B 166 -12.14 -7.04 -30.96
C ILE B 166 -13.22 -6.75 -32.00
N ALA B 167 -14.05 -7.76 -32.25
CA ALA B 167 -15.04 -7.69 -33.33
C ALA B 167 -16.33 -6.95 -32.95
N LYS B 168 -16.75 -7.08 -31.68
CA LYS B 168 -18.02 -6.53 -31.20
C LYS B 168 -17.90 -5.95 -29.80
N LEU B 169 -17.76 -4.63 -29.73
CA LEU B 169 -17.48 -3.92 -28.47
C LEU B 169 -18.53 -4.20 -27.40
N LYS B 170 -19.80 -4.18 -27.79
CA LYS B 170 -20.92 -4.41 -26.86
C LYS B 170 -20.82 -5.77 -26.17
N VAL B 171 -20.60 -6.82 -26.96
CA VAL B 171 -20.43 -8.14 -26.39
C VAL B 171 -19.18 -8.18 -25.51
N TYR B 172 -18.11 -7.54 -25.96
CA TYR B 172 -16.84 -7.56 -25.24
C TYR B 172 -16.98 -6.95 -23.85
N LYS B 173 -17.62 -5.79 -23.77
CA LYS B 173 -17.83 -5.12 -22.49
C LYS B 173 -18.70 -5.96 -21.53
N ASP B 174 -19.77 -6.56 -22.07
CA ASP B 174 -20.65 -7.40 -21.24
C ASP B 174 -19.90 -8.61 -20.68
N GLU B 175 -19.09 -9.23 -21.53
CA GLU B 175 -18.30 -10.41 -21.12
C GLU B 175 -17.18 -10.06 -20.11
N TYR B 176 -16.59 -8.89 -20.29
CA TYR B 176 -15.60 -8.38 -19.35
C TYR B 176 -16.22 -8.29 -17.95
N ARG B 177 -17.41 -7.68 -17.87
CA ARG B 177 -18.07 -7.52 -16.58
C ARG B 177 -18.47 -8.84 -15.98
N GLU B 178 -18.89 -9.79 -16.80
CA GLU B 178 -19.19 -11.13 -16.31
C GLU B 178 -17.94 -11.85 -15.77
N LYS B 179 -16.77 -11.59 -16.37
CA LYS B 179 -15.53 -12.17 -15.84
C LYS B 179 -15.19 -11.57 -14.47
N LEU B 180 -15.38 -10.26 -14.35
CA LEU B 180 -15.24 -9.55 -13.07
C LEU B 180 -16.11 -10.19 -12.02
N ASN B 181 -17.37 -10.42 -12.36
CA ASN B 181 -18.32 -11.08 -11.44
C ASN B 181 -17.88 -12.49 -11.03
N ASN B 182 -17.14 -13.18 -11.91
CA ASN B 182 -16.68 -14.54 -11.62
C ASN B 182 -15.23 -14.67 -11.13
N LEU B 183 -14.55 -13.54 -10.93
CA LEU B 183 -13.19 -13.57 -10.36
C LEU B 183 -13.22 -13.99 -8.89
N GLU B 184 -12.46 -15.03 -8.53
CA GLU B 184 -12.41 -15.47 -7.13
C GLU B 184 -11.46 -14.58 -6.35
N LEU B 185 -11.98 -13.97 -5.29
CA LEU B 185 -11.22 -13.01 -4.48
C LEU B 185 -11.53 -13.24 -3.03
N SER B 186 -10.54 -13.09 -2.14
CA SER B 186 -10.83 -13.03 -0.69
C SER B 186 -11.52 -11.69 -0.42
N ASP B 187 -12.12 -11.54 0.77
CA ASP B 187 -12.74 -10.25 1.13
C ASP B 187 -11.70 -9.14 1.05
N GLU B 188 -10.48 -9.44 1.50
CA GLU B 188 -9.42 -8.45 1.52
C GLU B 188 -8.99 -8.07 0.11
N GLN B 189 -8.84 -9.06 -0.76
CA GLN B 189 -8.52 -8.77 -2.18
C GLN B 189 -9.60 -7.93 -2.83
N ARG B 190 -10.86 -8.22 -2.48
CA ARG B 190 -11.99 -7.51 -3.09
C ARG B 190 -11.95 -6.04 -2.65
N GLU B 191 -11.80 -5.84 -1.34
CA GLU B 191 -11.63 -4.50 -0.79
C GLU B 191 -10.50 -3.76 -1.44
N HIS B 192 -9.38 -4.46 -1.69
CA HIS B 192 -8.17 -3.84 -2.30
C HIS B 192 -8.42 -3.41 -3.75
N LEU B 193 -9.08 -4.29 -4.48
CA LEU B 193 -9.46 -4.01 -5.86
C LEU B 193 -10.35 -2.76 -5.92
N LEU B 194 -11.33 -2.68 -5.01
CA LEU B 194 -12.25 -1.53 -4.99
C LEU B 194 -11.51 -0.23 -4.65
N LYS B 195 -10.59 -0.31 -3.68
CA LYS B 195 -9.79 0.84 -3.25
C LYS B 195 -8.90 1.34 -4.40
N GLU B 196 -8.21 0.41 -5.03
CA GLU B 196 -7.34 0.75 -6.18
C GLU B 196 -8.12 1.36 -7.33
N ALA B 197 -9.36 0.89 -7.55
CA ALA B 197 -10.16 1.41 -8.67
C ALA B 197 -10.49 2.89 -8.50
N THR B 198 -10.84 3.28 -7.27
CA THR B 198 -11.03 4.70 -6.98
C THR B 198 -9.72 5.46 -7.21
N ASP B 199 -8.62 4.97 -6.65
CA ASP B 199 -7.28 5.56 -6.88
C ASP B 199 -6.96 5.77 -8.37
N ALA B 200 -7.27 4.75 -9.17
CA ALA B 200 -7.02 4.79 -10.65
C ALA B 200 -7.79 5.94 -11.30
N PHE B 201 -9.06 6.12 -10.92
CA PHE B 201 -9.83 7.26 -11.47
C PHE B 201 -9.19 8.57 -11.02
N VAL B 202 -8.76 8.64 -9.76
CA VAL B 202 -8.14 9.87 -9.26
C VAL B 202 -6.84 10.18 -10.00
N PHE B 203 -6.03 9.14 -10.28
CA PHE B 203 -4.77 9.32 -11.03
C PHE B 203 -5.05 9.95 -12.38
N ASN B 204 -6.07 9.41 -13.02
CA ASN B 204 -6.44 9.91 -14.34
C ASN B 204 -6.96 11.32 -14.29
N HIS B 205 -7.72 11.66 -13.24
CA HIS B 205 -8.20 13.01 -13.10
C HIS B 205 -7.00 13.95 -13.01
N GLN B 206 -5.99 13.54 -12.24
CA GLN B 206 -4.80 14.35 -12.03
C GLN B 206 -3.95 14.50 -13.28
N VAL B 207 -3.92 13.46 -14.12
CA VAL B 207 -3.25 13.55 -15.42
C VAL B 207 -3.94 14.65 -16.24
N PHE B 208 -5.28 14.62 -16.28
CA PHE B 208 -6.01 15.68 -17.04
C PHE B 208 -5.76 17.09 -16.46
N ALA B 209 -5.70 17.18 -15.13
CA ALA B 209 -5.44 18.48 -14.47
C ALA B 209 -4.10 19.01 -14.90
N ASP B 210 -3.08 18.14 -14.92
CA ASP B 210 -1.75 18.54 -15.37
C ASP B 210 -1.74 18.98 -16.84
N LEU B 211 -2.42 18.22 -17.70
CA LEU B 211 -2.56 18.61 -19.12
C LEU B 211 -3.19 19.98 -19.25
N GLY B 212 -4.28 20.20 -18.51
CA GLY B 212 -4.96 21.51 -18.49
C GLY B 212 -4.09 22.64 -17.98
N LYS B 213 -3.14 22.29 -17.14
CA LYS B 213 -2.23 23.28 -16.58
C LYS B 213 -1.01 23.42 -17.49
N GLY B 214 -0.97 22.61 -18.54
CA GLY B 214 0.17 22.60 -19.47
C GLY B 214 1.41 21.98 -18.82
N LEU B 215 1.19 21.15 -17.80
CA LEU B 215 2.28 20.46 -17.12
C LEU B 215 2.66 19.21 -17.91
S SO4 C . 17.24 -6.23 -0.52
O1 SO4 C . 18.32 -5.32 -0.13
O2 SO4 C . 16.88 -5.98 -1.92
O3 SO4 C . 17.67 -7.64 -0.44
O4 SO4 C . 16.04 -6.01 0.33
S SO4 D . 4.56 13.04 13.97
O1 SO4 D . 5.60 14.04 13.73
O2 SO4 D . 3.90 13.29 15.27
O3 SO4 D . 3.51 13.09 12.95
O4 SO4 D . 5.18 11.73 13.97
S SO4 E . 24.31 -13.33 16.79
O1 SO4 E . 25.55 -12.73 16.29
O2 SO4 E . 23.17 -12.58 16.26
O3 SO4 E . 24.22 -14.73 16.36
O4 SO4 E . 24.30 -13.27 18.26
S SO4 F . -7.90 -5.25 23.99
O1 SO4 F . -6.88 -4.32 24.48
O2 SO4 F . -9.23 -4.71 24.23
O3 SO4 F . -7.68 -5.44 22.55
O4 SO4 F . -7.82 -6.52 24.71
S SO4 G . 17.77 3.25 34.53
O1 SO4 G . 18.65 4.40 34.75
O2 SO4 G . 16.43 3.73 34.16
O3 SO4 G . 18.31 2.40 33.48
O4 SO4 G . 17.68 2.46 35.75
CA4 YOM H . -5.26 -0.09 16.64
CA5 YOM H . -5.99 -0.87 17.57
CA6 YOM H . -5.44 -1.06 18.88
CA1 YOM H . -4.19 -0.49 19.22
CA YOM H . -3.70 -0.75 20.55
NA YOM H . -2.68 -0.17 21.13
CC1 YOM H . -2.26 -0.74 22.37
CC6 YOM H . -2.96 -1.52 23.32
CA3 YOM H . -4.02 0.52 16.93
CA2 YOM H . -3.48 0.31 18.25
OA YOM H . -2.28 0.88 18.54
FE YOM H . -1.63 1.47 20.45
NB YOM H . -0.22 0.35 21.74
CC2 YOM H . -0.89 -0.42 22.66
CC3 YOM H . -0.21 -0.89 23.84
CC4 YOM H . -0.92 -1.68 24.79
CC5 YOM H . -2.30 -1.99 24.49
OB YOM H . -0.05 2.54 19.82
CB2 YOM H . 1.26 2.13 19.72
CB1 YOM H . 1.79 0.95 20.42
CB YOM H . 0.98 0.15 21.28
CB6 YOM H . 3.17 0.66 20.21
CB5 YOM H . 3.99 1.44 19.39
CB4 YOM H . 3.48 2.57 18.68
CB3 YOM H . 2.11 2.90 18.87
S SO4 I . -10.14 19.72 -13.18
O1 SO4 I . -9.25 20.24 -12.14
O2 SO4 I . -11.38 19.23 -12.59
O3 SO4 I . -10.48 20.77 -14.12
O4 SO4 I . -9.42 18.66 -13.87
CA4 YOM J . -17.84 9.14 -22.30
CA5 YOM J . -18.72 8.02 -22.37
CA6 YOM J . -18.53 6.91 -21.49
CA1 YOM J . -17.47 6.92 -20.53
CA YOM J . -17.31 5.77 -19.66
NA YOM J . -16.42 5.58 -18.73
CC1 YOM J . -16.14 4.28 -18.20
CC6 YOM J . -16.90 3.07 -18.24
CA3 YOM J . -16.76 9.21 -21.38
CA2 YOM J . -16.58 8.09 -20.49
OA YOM J . -15.56 8.15 -19.61
FE YOM J . -15.46 7.12 -17.76
NB YOM J . -14.15 5.38 -17.45
CC2 YOM J . -14.87 4.22 -17.51
CC3 YOM J . -14.37 3.04 -16.86
CC4 YOM J . -15.15 1.85 -16.87
CC5 YOM J . -16.42 1.90 -17.56
OB YOM J . -13.98 8.30 -17.11
CB2 YOM J . -12.64 8.06 -17.19
CB1 YOM J . -12.06 6.73 -17.48
CB YOM J . -12.87 5.56 -17.67
CB6 YOM J . -10.66 6.66 -17.52
CB5 YOM J . -9.85 7.79 -17.33
CB4 YOM J . -10.40 9.06 -17.07
CB3 YOM J . -11.82 9.19 -16.99
C1 GOL K . -0.28 -1.21 -4.78
O1 GOL K . -1.45 -1.53 -4.04
C2 GOL K . 0.92 -2.08 -4.39
O2 GOL K . 0.79 -3.47 -4.68
C3 GOL K . 1.34 -1.77 -2.96
O3 GOL K . 2.40 -0.82 -2.97
#